data_5OJO
#
_entry.id   5OJO
#
_cell.length_a   87.540
_cell.length_b   87.540
_cell.length_c   316.920
_cell.angle_alpha   90.00
_cell.angle_beta   90.00
_cell.angle_gamma   120.00
#
_symmetry.space_group_name_H-M   'P 65 2 2'
#
loop_
_entity.id
_entity.type
_entity.pdbx_description
1 polymer 'NAD-dependent protein deacylase sirtuin-5, mitochondrial'
2 polymer 'Carbamoyl-phosphate synthase [ammonia], mitochondrial'
3 non-polymer 'DIMETHYL SULFOXIDE'
4 non-polymer 'ZINC ION'
5 non-polymer 1,2-ETHANEDIOL
6 non-polymer '4-(2-HYDROXYETHYL)-1-PIPERAZINE ETHANESULFONIC ACID'
7 non-polymer 'SODIUM ION'
8 water water
#
loop_
_entity_poly.entity_id
_entity_poly.type
_entity_poly.pdbx_seq_one_letter_code
_entity_poly.pdbx_strand_id
1 'polypeptide(L)'
;GIDPFTTRPSSDLTAFREHFAKAKHIAIITGAGVSAESGVPTFRGPGGFWRKWQAQDLATPEAFSRDPSLVWEFYHYRRE
VMRSKMPNPAHLAIAECEARLGQQGRSVVIITQNIDELHHRAGSKHVYEIHGSLFKTRCMSCGEVKANHKSPICPALDGK
GAPDPNTKEARIPVELLPRCERKSCNGLLRPHVVWFGETLDSDILTAVERELEKCDLCLVVGTSSIVYPAAMFAPQVASR
GVPVAEFNMECTPATQRFKYHFEGPCGSTLPPALE
;
A,B
2 'polypeptide(L)' (GZB)VL(HLY)EYGV C
#
# COMPACT_ATOMS: atom_id res chain seq x y z
N SER A 11 3.64 1.12 -28.93
CA SER A 11 2.66 1.85 -28.05
C SER A 11 3.30 2.95 -27.17
N ASP A 12 4.55 2.75 -26.76
CA ASP A 12 5.46 3.79 -26.24
C ASP A 12 5.05 4.42 -24.90
N LEU A 13 5.96 4.38 -23.92
CA LEU A 13 5.73 4.99 -22.62
C LEU A 13 5.81 6.51 -22.74
N THR A 14 6.79 7.04 -23.48
CA THR A 14 7.00 8.50 -23.51
C THR A 14 5.78 9.20 -24.06
N ALA A 15 5.24 8.62 -25.14
CA ALA A 15 3.98 9.08 -25.72
C ALA A 15 2.86 9.16 -24.67
N PHE A 16 2.75 8.12 -23.84
CA PHE A 16 1.78 8.14 -22.76
C PHE A 16 2.07 9.24 -21.75
N ARG A 17 3.35 9.40 -21.41
CA ARG A 17 3.75 10.34 -20.35
C ARG A 17 3.51 11.79 -20.75
N GLU A 18 3.69 12.08 -22.03
CA GLU A 18 3.40 13.40 -22.56
C GLU A 18 1.93 13.75 -22.38
N HIS A 19 1.04 12.77 -22.62
CA HIS A 19 -0.39 12.98 -22.37
C HIS A 19 -0.67 13.15 -20.90
N PHE A 20 -0.06 12.27 -20.10
CA PHE A 20 -0.21 12.30 -18.66
C PHE A 20 0.17 13.65 -18.06
N ALA A 21 1.28 14.23 -18.52
CA ALA A 21 1.74 15.54 -18.08
C ALA A 21 0.70 16.65 -18.25
N LYS A 22 0.03 16.64 -19.40
CA LYS A 22 -0.99 17.64 -19.76
C LYS A 22 -2.39 17.38 -19.21
N ALA A 23 -2.71 16.13 -18.91
CA ALA A 23 -4.05 15.74 -18.53
C ALA A 23 -4.55 16.46 -17.27
N LYS A 24 -5.73 17.06 -17.34
CA LYS A 24 -6.33 17.69 -16.16
C LYS A 24 -7.41 16.86 -15.50
N HIS A 25 -8.02 15.92 -16.21
CA HIS A 25 -9.09 15.13 -15.63
C HIS A 25 -8.91 13.69 -16.04
N ILE A 26 -8.38 12.86 -15.14
CA ILE A 26 -8.03 11.48 -15.46
C ILE A 26 -9.06 10.55 -14.86
N ALA A 27 -9.49 9.56 -15.64
CA ALA A 27 -10.38 8.51 -15.15
C ALA A 27 -9.68 7.17 -15.27
N ILE A 28 -9.72 6.40 -14.20
CA ILE A 28 -9.04 5.12 -14.14
C ILE A 28 -10.10 4.06 -13.87
N ILE A 29 -10.33 3.17 -14.83
CA ILE A 29 -11.26 2.07 -14.62
C ILE A 29 -10.47 0.83 -14.23
N THR A 30 -10.86 0.20 -13.12
CA THR A 30 -10.11 -0.93 -12.61
C THR A 30 -10.93 -2.21 -12.52
N GLY A 31 -10.32 -3.29 -12.99
CA GLY A 31 -10.96 -4.59 -13.03
C GLY A 31 -10.29 -5.57 -12.10
N ALA A 32 -10.63 -6.84 -12.29
CA ALA A 32 -10.29 -7.85 -11.30
C ALA A 32 -8.81 -8.06 -11.18
N GLY A 33 -8.09 -7.80 -12.27
CA GLY A 33 -6.65 -8.00 -12.32
C GLY A 33 -5.89 -7.34 -11.19
N VAL A 34 -6.34 -6.13 -10.82
CA VAL A 34 -5.64 -5.38 -9.80
C VAL A 34 -5.87 -5.96 -8.38
N SER A 35 -7.09 -6.43 -8.11
CA SER A 35 -7.39 -7.17 -6.87
C SER A 35 -6.70 -8.55 -6.85
N ALA A 36 -6.51 -9.14 -8.02
CA ALA A 36 -5.81 -10.42 -8.12
C ALA A 36 -4.35 -10.30 -7.77
N GLU A 37 -3.73 -9.19 -8.12
CA GLU A 37 -2.34 -8.97 -7.78
C GLU A 37 -2.12 -8.81 -6.30
N SER A 38 -3.15 -8.46 -5.54
CA SER A 38 -3.10 -8.45 -4.07
C SER A 38 -3.40 -9.81 -3.46
N GLY A 39 -3.73 -10.80 -4.27
CA GLY A 39 -3.98 -12.15 -3.77
C GLY A 39 -5.41 -12.40 -3.35
N VAL A 40 -6.31 -11.48 -3.72
CA VAL A 40 -7.72 -11.61 -3.38
C VAL A 40 -8.35 -12.56 -4.39
N PRO A 41 -8.92 -13.67 -3.92
CA PRO A 41 -9.49 -14.64 -4.85
C PRO A 41 -10.81 -14.19 -5.47
N THR A 42 -10.94 -14.42 -6.77
CA THR A 42 -12.19 -14.10 -7.51
C THR A 42 -13.33 -15.14 -7.42
N PHE A 43 -12.98 -16.40 -7.20
CA PHE A 43 -13.92 -17.51 -7.14
C PHE A 43 -14.69 -17.80 -8.42
N ARG A 44 -14.04 -17.52 -9.55
CA ARG A 44 -14.60 -17.64 -10.89
C ARG A 44 -13.65 -18.43 -11.79
N GLY A 45 -14.19 -19.30 -12.65
CA GLY A 45 -13.37 -20.00 -13.65
C GLY A 45 -12.40 -21.01 -13.03
N PRO A 46 -11.17 -21.13 -13.59
CA PRO A 46 -10.31 -22.30 -13.36
C PRO A 46 -9.88 -22.58 -11.90
N GLY A 47 -10.56 -23.50 -11.23
CA GLY A 47 -10.15 -23.92 -9.88
C GLY A 47 -10.45 -22.99 -8.69
N GLY A 48 -11.02 -21.81 -8.93
CA GLY A 48 -11.46 -20.93 -7.86
C GLY A 48 -12.78 -21.38 -7.27
N PHE A 49 -12.74 -22.45 -6.48
CA PHE A 49 -13.93 -23.01 -5.86
C PHE A 49 -13.89 -22.68 -4.37
N TRP A 50 -15.04 -22.32 -3.81
CA TRP A 50 -15.23 -22.22 -2.35
C TRP A 50 -16.13 -23.38 -1.99
N ARG A 51 -15.57 -24.35 -1.28
CA ARG A 51 -16.26 -25.61 -1.05
C ARG A 51 -16.66 -26.22 -2.41
N LYS A 52 -17.91 -26.63 -2.59
CA LYS A 52 -18.40 -27.22 -3.83
C LYS A 52 -18.69 -26.17 -4.89
N TRP A 53 -18.83 -24.90 -4.49
CA TRP A 53 -19.40 -23.84 -5.37
C TRP A 53 -18.41 -22.81 -5.86
N GLN A 54 -18.83 -22.09 -6.89
CA GLN A 54 -18.14 -20.91 -7.42
C GLN A 54 -19.03 -19.69 -7.23
N ALA A 55 -18.52 -18.50 -7.55
CA ALA A 55 -19.27 -17.25 -7.35
C ALA A 55 -20.59 -17.20 -8.15
N GLN A 56 -20.53 -17.69 -9.39
CA GLN A 56 -21.72 -17.87 -10.23
C GLN A 56 -22.91 -18.47 -9.47
N ASP A 57 -22.64 -19.49 -8.65
CA ASP A 57 -23.66 -20.26 -7.94
C ASP A 57 -24.22 -19.54 -6.71
N LEU A 58 -23.34 -18.90 -5.95
CA LEU A 58 -23.71 -18.31 -4.65
C LEU A 58 -24.01 -16.81 -4.68
N ALA A 59 -23.51 -16.09 -5.69
CA ALA A 59 -23.66 -14.65 -5.74
C ALA A 59 -24.92 -14.21 -6.49
N THR A 60 -26.09 -14.68 -6.05
CA THR A 60 -27.36 -14.41 -6.74
C THR A 60 -28.47 -14.19 -5.72
N PRO A 61 -29.53 -13.48 -6.11
CA PRO A 61 -30.72 -13.34 -5.27
C PRO A 61 -31.33 -14.67 -4.83
N GLU A 62 -31.35 -15.65 -5.74
CA GLU A 62 -32.01 -16.94 -5.54
C GLU A 62 -31.26 -17.71 -4.48
N ALA A 63 -29.94 -17.81 -4.65
CA ALA A 63 -29.07 -18.45 -3.65
C ALA A 63 -29.34 -17.87 -2.26
N PHE A 64 -29.40 -16.55 -2.17
CA PHE A 64 -29.62 -15.87 -0.90
C PHE A 64 -31.00 -16.19 -0.35
N SER A 65 -32.02 -16.11 -1.19
CA SER A 65 -33.38 -16.45 -0.78
C SER A 65 -33.49 -17.89 -0.28
N ARG A 66 -32.85 -18.82 -1.02
CA ARG A 66 -32.83 -20.27 -0.68
C ARG A 66 -32.02 -20.59 0.59
N ASP A 67 -30.77 -20.12 0.65
CA ASP A 67 -29.85 -20.51 1.71
C ASP A 67 -29.01 -19.31 2.17
N PRO A 68 -29.65 -18.36 2.89
CA PRO A 68 -28.92 -17.16 3.32
C PRO A 68 -27.74 -17.42 4.27
N SER A 69 -27.78 -18.53 5.01
CA SER A 69 -26.63 -18.94 5.83
C SER A 69 -25.44 -19.22 4.95
N LEU A 70 -25.63 -20.06 3.94
CA LEU A 70 -24.54 -20.48 3.07
C LEU A 70 -23.88 -19.30 2.35
N VAL A 71 -24.70 -18.38 1.85
CA VAL A 71 -24.19 -17.19 1.16
C VAL A 71 -23.45 -16.29 2.16
N TRP A 72 -24.01 -16.11 3.35
CA TRP A 72 -23.30 -15.35 4.39
C TRP A 72 -21.99 -16.01 4.86
N GLU A 73 -21.93 -17.34 4.88
CA GLU A 73 -20.64 -18.00 5.11
C GLU A 73 -19.64 -17.61 4.04
N PHE A 74 -20.09 -17.58 2.80
CA PHE A 74 -19.26 -17.19 1.68
C PHE A 74 -18.77 -15.74 1.84
N TYR A 75 -19.70 -14.82 2.09
CA TYR A 75 -19.30 -13.41 2.21
C TYR A 75 -18.49 -13.13 3.49
N HIS A 76 -18.75 -13.86 4.56
CA HIS A 76 -17.93 -13.78 5.78
C HIS A 76 -16.50 -14.22 5.50
N TYR A 77 -16.31 -15.39 4.88
CA TYR A 77 -14.97 -15.86 4.49
C TYR A 77 -14.23 -14.81 3.71
N ARG A 78 -14.93 -14.14 2.82
CA ARG A 78 -14.29 -13.15 1.99
C ARG A 78 -13.99 -11.84 2.71
N ARG A 79 -14.83 -11.45 3.67
CA ARG A 79 -14.52 -10.31 4.53
C ARG A 79 -13.28 -10.58 5.38
N GLU A 80 -13.13 -11.81 5.86
CA GLU A 80 -11.99 -12.15 6.68
C GLU A 80 -10.72 -12.30 5.88
N VAL A 81 -10.77 -12.85 4.67
CA VAL A 81 -9.50 -12.99 3.92
C VAL A 81 -8.85 -11.66 3.58
N MET A 82 -9.64 -10.59 3.52
CA MET A 82 -9.11 -9.26 3.28
C MET A 82 -8.23 -8.75 4.42
N ARG A 83 -8.41 -9.27 5.62
CA ARG A 83 -7.58 -8.86 6.75
C ARG A 83 -6.09 -9.10 6.48
N SER A 84 -5.76 -10.17 5.74
CA SER A 84 -4.37 -10.50 5.38
C SER A 84 -3.91 -10.03 4.00
N LYS A 85 -4.84 -9.61 3.14
CA LYS A 85 -4.50 -9.08 1.80
C LYS A 85 -4.38 -7.56 1.84
N MET A 86 -3.29 -7.04 1.29
CA MET A 86 -3.00 -5.62 1.32
C MET A 86 -2.98 -5.05 -0.10
N PRO A 87 -3.16 -3.73 -0.24
CA PRO A 87 -2.99 -3.07 -1.53
C PRO A 87 -1.63 -3.31 -2.17
N ASN A 88 -1.62 -3.62 -3.47
CA ASN A 88 -0.40 -3.75 -4.27
C ASN A 88 0.00 -2.37 -4.78
N PRO A 89 1.20 -2.25 -5.39
CA PRO A 89 1.71 -0.92 -5.79
C PRO A 89 0.88 -0.17 -6.82
N ALA A 90 0.10 -0.88 -7.61
CA ALA A 90 -0.85 -0.25 -8.52
C ALA A 90 -1.84 0.57 -7.72
N HIS A 91 -2.43 -0.04 -6.69
CA HIS A 91 -3.41 0.66 -5.82
C HIS A 91 -2.83 1.94 -5.26
N LEU A 92 -1.57 1.87 -4.81
CA LEU A 92 -0.92 2.97 -4.15
C LEU A 92 -0.47 4.05 -5.11
N ALA A 93 0.21 3.65 -6.17
CA ALA A 93 0.57 4.56 -7.26
C ALA A 93 -0.62 5.42 -7.71
N ILE A 94 -1.79 4.80 -7.87
CA ILE A 94 -3.01 5.50 -8.23
C ILE A 94 -3.38 6.52 -7.17
N ALA A 95 -3.38 6.09 -5.91
CA ALA A 95 -3.78 6.94 -4.78
C ALA A 95 -2.84 8.13 -4.60
N GLU A 96 -1.56 7.84 -4.68
CA GLU A 96 -0.58 8.88 -4.52
C GLU A 96 -0.65 9.86 -5.69
N CYS A 97 -1.01 9.35 -6.88
CA CYS A 97 -1.20 10.18 -8.07
C CYS A 97 -2.39 11.10 -7.87
N GLU A 98 -3.52 10.54 -7.47
CA GLU A 98 -4.71 11.32 -7.16
C GLU A 98 -4.40 12.48 -6.22
N ALA A 99 -3.68 12.18 -5.15
CA ALA A 99 -3.30 13.16 -4.16
C ALA A 99 -2.39 14.24 -4.76
N ARG A 100 -1.34 13.81 -5.44
CA ARG A 100 -0.34 14.70 -6.01
C ARG A 100 -0.96 15.65 -7.02
N LEU A 101 -1.80 15.08 -7.89
CA LEU A 101 -2.50 15.85 -8.92
C LEU A 101 -3.54 16.77 -8.34
N GLY A 102 -4.32 16.28 -7.38
CA GLY A 102 -5.30 17.10 -6.65
C GLY A 102 -4.76 18.41 -6.14
N GLN A 103 -3.57 18.38 -5.52
CA GLN A 103 -2.89 19.59 -5.07
CA GLN A 103 -2.86 19.59 -5.07
C GLN A 103 -2.69 20.59 -6.20
N GLN A 104 -2.38 20.08 -7.39
CA GLN A 104 -2.20 20.89 -8.59
C GLN A 104 -3.52 21.29 -9.25
N GLY A 105 -4.66 21.00 -8.64
CA GLY A 105 -5.97 21.23 -9.23
C GLY A 105 -6.29 20.33 -10.43
N ARG A 106 -5.99 19.04 -10.30
CA ARG A 106 -6.16 18.09 -11.39
C ARG A 106 -6.85 16.85 -10.82
N SER A 107 -7.99 16.49 -11.42
CA SER A 107 -8.82 15.43 -10.87
C SER A 107 -8.32 14.06 -11.33
N VAL A 108 -8.47 13.07 -10.44
CA VAL A 108 -8.27 11.66 -10.75
C VAL A 108 -9.36 10.83 -10.07
N VAL A 109 -10.27 10.28 -10.85
CA VAL A 109 -11.33 9.42 -10.30
C VAL A 109 -11.11 7.96 -10.68
N ILE A 110 -11.44 7.07 -9.73
CA ILE A 110 -11.42 5.64 -9.94
C ILE A 110 -12.84 5.12 -10.15
N ILE A 111 -13.01 4.25 -11.13
CA ILE A 111 -14.26 3.56 -11.37
C ILE A 111 -13.95 2.07 -11.33
N THR A 112 -14.34 1.40 -10.25
CA THR A 112 -13.88 0.03 -10.01
C THR A 112 -15.01 -0.98 -9.98
N GLN A 113 -14.77 -2.16 -10.56
CA GLN A 113 -15.71 -3.29 -10.48
C GLN A 113 -15.46 -4.12 -9.21
N ASN A 114 -14.41 -3.77 -8.47
CA ASN A 114 -13.92 -4.56 -7.35
C ASN A 114 -14.63 -4.11 -6.10
N ILE A 115 -14.75 -5.05 -5.15
CA ILE A 115 -15.62 -4.86 -4.00
C ILE A 115 -14.86 -4.98 -2.68
N ASP A 116 -13.54 -4.93 -2.74
CA ASP A 116 -12.69 -5.28 -1.61
C ASP A 116 -12.15 -4.06 -0.87
N GLU A 117 -12.47 -2.88 -1.37
CA GLU A 117 -12.03 -1.61 -0.79
C GLU A 117 -10.51 -1.38 -0.78
N LEU A 118 -9.75 -2.16 -1.55
CA LEU A 118 -8.31 -1.98 -1.62
C LEU A 118 -7.95 -0.59 -2.12
N HIS A 119 -8.75 0.00 -3.00
CA HIS A 119 -8.50 1.38 -3.43
C HIS A 119 -8.63 2.33 -2.24
N HIS A 120 -9.67 2.13 -1.43
CA HIS A 120 -9.93 2.99 -0.28
CA HIS A 120 -9.93 2.99 -0.24
C HIS A 120 -8.77 2.85 0.73
N ARG A 121 -8.34 1.60 0.94
CA ARG A 121 -7.22 1.29 1.84
C ARG A 121 -5.86 1.85 1.41
N ALA A 122 -5.68 2.08 0.11
CA ALA A 122 -4.45 2.70 -0.40
C ALA A 122 -4.50 4.22 -0.32
N GLY A 123 -5.67 4.77 0.07
CA GLY A 123 -5.84 6.22 0.27
C GLY A 123 -6.46 6.96 -0.89
N SER A 124 -7.07 6.25 -1.83
CA SER A 124 -7.87 6.89 -2.86
C SER A 124 -9.13 7.42 -2.17
N LYS A 125 -9.62 8.56 -2.69
CA LYS A 125 -10.79 9.28 -2.14
C LYS A 125 -11.94 9.28 -3.11
N HIS A 126 -11.68 9.71 -4.35
CA HIS A 126 -12.73 9.83 -5.38
C HIS A 126 -12.83 8.48 -6.07
N VAL A 127 -13.71 7.64 -5.55
CA VAL A 127 -13.90 6.26 -6.03
C VAL A 127 -15.37 5.98 -6.23
N TYR A 128 -15.68 5.22 -7.28
CA TYR A 128 -17.03 4.76 -7.58
C TYR A 128 -17.00 3.25 -7.62
N GLU A 129 -17.60 2.59 -6.63
CA GLU A 129 -17.60 1.12 -6.55
C GLU A 129 -18.86 0.59 -7.22
N ILE A 130 -18.80 0.35 -8.52
CA ILE A 130 -20.01 0.07 -9.28
C ILE A 130 -20.64 -1.29 -8.96
N HIS A 131 -19.91 -2.17 -8.30
CA HIS A 131 -20.50 -3.43 -7.87
C HIS A 131 -20.74 -3.47 -6.37
N GLY A 132 -20.70 -2.30 -5.73
CA GLY A 132 -20.78 -2.20 -4.27
C GLY A 132 -19.50 -2.63 -3.60
N SER A 133 -19.64 -3.09 -2.34
CA SER A 133 -18.51 -3.40 -1.45
C SER A 133 -18.84 -4.51 -0.45
N LEU A 134 -17.89 -5.43 -0.22
CA LEU A 134 -17.99 -6.44 0.84
C LEU A 134 -18.22 -5.85 2.23
N PHE A 135 -17.77 -4.62 2.43
CA PHE A 135 -17.87 -3.97 3.73
C PHE A 135 -18.93 -2.89 3.74
N LYS A 136 -20.07 -3.21 3.12
CA LYS A 136 -21.31 -2.51 3.32
C LYS A 136 -22.45 -3.52 3.36
N THR A 137 -23.44 -3.26 4.21
CA THR A 137 -24.66 -4.08 4.29
C THR A 137 -25.83 -3.32 3.69
N ARG A 138 -26.79 -4.06 3.16
CA ARG A 138 -28.08 -3.47 2.81
C ARG A 138 -29.15 -4.24 3.59
N CYS A 139 -30.11 -3.52 4.15
CA CYS A 139 -31.22 -4.13 4.90
C CYS A 139 -32.33 -4.53 3.94
N MET A 140 -32.77 -5.78 4.04
CA MET A 140 -33.78 -6.32 3.16
C MET A 140 -35.16 -5.76 3.43
N SER A 141 -35.38 -5.22 4.62
CA SER A 141 -36.64 -4.57 4.94
C SER A 141 -36.58 -3.08 4.59
N CYS A 142 -35.82 -2.29 5.34
CA CYS A 142 -35.81 -0.83 5.17
C CYS A 142 -34.85 -0.27 4.12
N GLY A 143 -33.99 -1.11 3.52
CA GLY A 143 -33.12 -0.68 2.44
C GLY A 143 -31.89 0.13 2.83
N GLU A 144 -31.63 0.27 4.13
CA GLU A 144 -30.54 1.13 4.61
C GLU A 144 -29.20 0.50 4.28
N VAL A 145 -28.33 1.32 3.73
CA VAL A 145 -26.99 0.91 3.36
C VAL A 145 -26.08 1.48 4.42
N LYS A 146 -25.30 0.62 5.07
CA LYS A 146 -24.37 1.08 6.12
C LYS A 146 -23.02 0.35 6.01
N ALA A 147 -21.97 1.06 6.42
CA ALA A 147 -20.60 0.50 6.38
C ALA A 147 -20.52 -0.55 7.44
N ASN A 148 -19.69 -1.57 7.21
CA ASN A 148 -19.52 -2.61 8.20
C ASN A 148 -18.19 -3.30 8.01
N HIS A 149 -17.27 -3.07 8.94
CA HIS A 149 -15.95 -3.71 8.94
C HIS A 149 -15.77 -4.65 10.11
N LYS A 150 -16.88 -5.00 10.77
CA LYS A 150 -16.83 -5.78 12.01
C LYS A 150 -16.36 -7.22 11.70
N SER A 151 -15.52 -7.73 12.58
CA SER A 151 -14.98 -9.07 12.49
C SER A 151 -15.22 -9.79 13.81
N PRO A 152 -16.04 -10.83 13.87
CA PRO A 152 -16.95 -11.22 12.79
C PRO A 152 -18.15 -10.27 12.68
N ILE A 153 -18.67 -10.12 11.45
CA ILE A 153 -19.90 -9.34 11.18
C ILE A 153 -21.08 -9.57 12.15
N CYS A 154 -21.25 -10.80 12.61
CA CYS A 154 -22.17 -11.12 13.71
C CYS A 154 -21.59 -12.29 14.49
N PRO A 155 -22.04 -12.51 15.75
CA PRO A 155 -21.56 -13.64 16.56
C PRO A 155 -21.73 -15.02 15.91
N ALA A 156 -22.92 -15.31 15.39
CA ALA A 156 -23.22 -16.64 14.82
C ALA A 156 -22.24 -17.14 13.76
N LEU A 157 -21.66 -16.21 13.01
CA LEU A 157 -20.69 -16.53 11.96
C LEU A 157 -19.22 -16.60 12.43
N ASP A 158 -18.97 -16.43 13.73
CA ASP A 158 -17.62 -16.45 14.23
C ASP A 158 -17.03 -17.83 13.93
N GLY A 159 -15.88 -17.84 13.24
CA GLY A 159 -15.15 -19.08 12.92
C GLY A 159 -15.79 -19.98 11.87
N LYS A 160 -16.68 -19.39 11.07
CA LYS A 160 -17.41 -20.12 10.04
C LYS A 160 -16.81 -19.75 8.69
N GLY A 161 -17.45 -20.22 7.61
CA GLY A 161 -17.06 -19.89 6.25
C GLY A 161 -15.87 -20.67 5.70
N ALA A 162 -15.45 -21.72 6.40
CA ALA A 162 -14.23 -22.44 6.03
C ALA A 162 -14.32 -22.93 4.59
N PRO A 163 -13.25 -22.76 3.80
CA PRO A 163 -13.33 -23.06 2.35
C PRO A 163 -13.26 -24.54 1.90
N ASP A 164 -12.98 -25.48 2.81
CA ASP A 164 -12.86 -26.92 2.43
C ASP A 164 -14.16 -27.49 1.89
N PRO A 165 -14.11 -28.23 0.76
CA PRO A 165 -15.31 -28.99 0.31
C PRO A 165 -15.96 -29.85 1.39
N ASN A 166 -15.17 -30.31 2.37
CA ASN A 166 -15.67 -31.00 3.57
C ASN A 166 -16.58 -30.23 4.46
N THR A 167 -16.26 -28.97 4.72
CA THR A 167 -16.77 -28.26 5.90
C THR A 167 -18.28 -28.33 6.01
N LYS A 168 -18.76 -28.71 7.19
CA LYS A 168 -20.20 -28.78 7.43
C LYS A 168 -20.78 -27.37 7.46
N GLU A 169 -21.97 -27.26 6.85
CA GLU A 169 -22.67 -26.00 6.76
C GLU A 169 -23.00 -25.50 8.15
N ALA A 170 -22.87 -24.20 8.34
CA ALA A 170 -23.17 -23.59 9.62
C ALA A 170 -24.68 -23.55 9.87
N ARG A 171 -25.50 -23.65 8.82
CA ARG A 171 -26.96 -23.68 8.91
C ARG A 171 -27.46 -22.83 10.07
N ILE A 172 -27.08 -21.55 10.01
CA ILE A 172 -27.44 -20.58 11.02
C ILE A 172 -28.90 -20.21 10.80
N PRO A 173 -29.72 -20.22 11.86
CA PRO A 173 -31.06 -19.63 11.77
C PRO A 173 -31.04 -18.18 11.30
N VAL A 174 -32.00 -17.81 10.45
CA VAL A 174 -32.02 -16.50 9.82
C VAL A 174 -32.03 -15.34 10.83
N GLU A 175 -32.64 -15.55 12.00
CA GLU A 175 -32.68 -14.53 13.06
C GLU A 175 -31.30 -14.24 13.66
N LEU A 176 -30.41 -15.22 13.61
CA LEU A 176 -29.02 -15.06 14.13
C LEU A 176 -28.00 -14.58 13.09
N LEU A 177 -28.39 -14.53 11.83
CA LEU A 177 -27.58 -13.85 10.77
C LEU A 177 -27.62 -12.33 10.98
N PRO A 178 -26.78 -11.56 10.25
CA PRO A 178 -26.71 -10.11 10.55
C PRO A 178 -28.05 -9.42 10.39
N ARG A 179 -28.47 -8.68 11.43
CA ARG A 179 -29.73 -7.93 11.36
C ARG A 179 -29.53 -6.42 11.49
N CYS A 180 -30.57 -5.70 11.10
CA CYS A 180 -30.58 -4.26 11.01
C CYS A 180 -30.69 -3.71 12.42
N GLU A 181 -29.71 -2.92 12.84
CA GLU A 181 -29.60 -2.45 14.24
C GLU A 181 -30.66 -1.38 14.66
N ARG A 182 -31.34 -0.77 13.69
CA ARG A 182 -32.48 0.11 13.98
C ARG A 182 -33.59 -0.81 14.50
N LYS A 183 -33.93 -0.71 15.78
CA LYS A 183 -34.66 -1.80 16.51
C LYS A 183 -36.11 -2.09 16.07
N SER A 184 -36.81 -1.04 15.62
CA SER A 184 -38.15 -1.17 15.03
C SER A 184 -38.16 -2.03 13.76
N CYS A 185 -36.99 -2.19 13.12
CA CYS A 185 -36.85 -2.93 11.86
C CYS A 185 -36.42 -4.39 12.01
N ASN A 186 -35.21 -4.60 12.53
CA ASN A 186 -34.57 -5.92 12.67
C ASN A 186 -34.55 -6.76 11.38
N GLY A 187 -34.48 -6.10 10.23
CA GLY A 187 -34.45 -6.79 8.95
C GLY A 187 -33.17 -7.58 8.75
N LEU A 188 -33.24 -8.59 7.88
CA LEU A 188 -32.06 -9.37 7.51
C LEU A 188 -31.19 -8.51 6.63
N LEU A 189 -29.91 -8.44 6.93
CA LEU A 189 -28.97 -7.72 6.09
C LEU A 189 -28.39 -8.63 5.01
N ARG A 190 -28.13 -8.05 3.86
CA ARG A 190 -27.42 -8.74 2.79
C ARG A 190 -26.18 -7.92 2.52
N PRO A 191 -25.17 -8.50 1.83
CA PRO A 191 -24.06 -7.69 1.39
C PRO A 191 -24.58 -6.60 0.45
N HIS A 192 -24.05 -5.39 0.56
CA HIS A 192 -24.38 -4.33 -0.38
C HIS A 192 -23.50 -4.46 -1.63
N VAL A 193 -23.89 -5.41 -2.46
CA VAL A 193 -23.10 -5.86 -3.59
C VAL A 193 -24.07 -6.15 -4.73
N VAL A 194 -23.55 -6.13 -5.95
CA VAL A 194 -24.39 -6.37 -7.12
C VAL A 194 -24.24 -7.82 -7.54
N TRP A 195 -25.28 -8.60 -7.28
CA TRP A 195 -25.30 -10.01 -7.65
C TRP A 195 -25.59 -10.19 -9.14
N PHE A 196 -25.35 -11.41 -9.63
CA PHE A 196 -25.69 -11.77 -10.98
C PHE A 196 -27.20 -11.75 -11.11
N GLY A 197 -27.70 -11.19 -12.19
CA GLY A 197 -29.13 -11.00 -12.39
C GLY A 197 -29.67 -9.73 -11.75
N GLU A 198 -28.82 -8.94 -11.12
CA GLU A 198 -29.23 -7.62 -10.62
C GLU A 198 -28.68 -6.55 -11.55
N THR A 199 -29.30 -5.37 -11.52
CA THR A 199 -28.79 -4.23 -12.27
C THR A 199 -27.90 -3.32 -11.44
N LEU A 200 -27.15 -2.47 -12.12
CA LEU A 200 -26.32 -1.47 -11.47
C LEU A 200 -27.17 -0.29 -10.97
N ASP A 201 -26.60 0.50 -10.07
CA ASP A 201 -27.22 1.75 -9.60
C ASP A 201 -27.25 2.78 -10.74
N SER A 202 -28.44 3.25 -11.11
CA SER A 202 -28.52 4.32 -12.10
C SER A 202 -27.85 5.62 -11.66
N ASP A 203 -27.97 5.97 -10.38
CA ASP A 203 -27.28 7.12 -9.81
C ASP A 203 -25.76 7.04 -9.97
N ILE A 204 -25.19 5.87 -9.74
CA ILE A 204 -23.75 5.70 -9.92
C ILE A 204 -23.36 5.83 -11.41
N LEU A 205 -24.11 5.21 -12.31
CA LEU A 205 -23.76 5.29 -13.72
C LEU A 205 -23.90 6.73 -14.28
N THR A 206 -24.92 7.47 -13.81
CA THR A 206 -25.11 8.86 -14.21
C THR A 206 -23.93 9.72 -13.84
N ALA A 207 -23.40 9.46 -12.64
CA ALA A 207 -22.23 10.15 -12.14
C ALA A 207 -21.01 9.80 -12.96
N VAL A 208 -20.82 8.50 -13.18
CA VAL A 208 -19.67 7.99 -13.93
C VAL A 208 -19.69 8.56 -15.34
N GLU A 209 -20.88 8.63 -15.93
CA GLU A 209 -21.04 9.19 -17.26
C GLU A 209 -20.50 10.62 -17.30
N ARG A 210 -20.94 11.43 -16.33
CA ARG A 210 -20.49 12.81 -16.21
C ARG A 210 -18.97 12.89 -16.06
N GLU A 211 -18.39 12.01 -15.23
CA GLU A 211 -16.95 11.99 -15.02
C GLU A 211 -16.17 11.61 -16.26
N LEU A 212 -16.65 10.63 -17.01
CA LEU A 212 -15.98 10.20 -18.23
C LEU A 212 -16.12 11.22 -19.36
N GLU A 213 -17.22 11.98 -19.32
CA GLU A 213 -17.38 13.11 -20.23
C GLU A 213 -16.40 14.24 -19.94
N LYS A 214 -16.08 14.48 -18.67
CA LYS A 214 -15.06 15.49 -18.29
C LYS A 214 -13.67 15.10 -18.73
N CYS A 215 -13.39 13.80 -18.79
CA CYS A 215 -12.02 13.34 -18.70
C CYS A 215 -11.26 13.53 -19.99
N ASP A 216 -9.96 13.76 -19.89
CA ASP A 216 -9.10 13.92 -21.08
C ASP A 216 -7.96 12.91 -21.17
N LEU A 217 -7.98 11.94 -20.26
CA LEU A 217 -7.14 10.76 -20.33
C LEU A 217 -7.86 9.69 -19.57
N CYS A 218 -7.95 8.50 -20.15
CA CYS A 218 -8.65 7.39 -19.50
C CYS A 218 -7.72 6.21 -19.41
N LEU A 219 -7.63 5.60 -18.23
CA LEU A 219 -6.79 4.45 -17.99
C LEU A 219 -7.71 3.27 -17.69
N VAL A 220 -7.42 2.14 -18.34
CA VAL A 220 -8.05 0.87 -18.00
C VAL A 220 -6.95 0.04 -17.37
N VAL A 221 -7.20 -0.43 -16.15
CA VAL A 221 -6.22 -1.18 -15.38
C VAL A 221 -6.82 -2.49 -14.90
N GLY A 222 -6.23 -3.60 -15.36
CA GLY A 222 -6.55 -4.92 -14.84
C GLY A 222 -7.82 -5.51 -15.43
N THR A 223 -8.09 -5.12 -16.68
CA THR A 223 -9.22 -5.56 -17.50
C THR A 223 -8.95 -4.94 -18.87
N SER A 224 -9.83 -5.11 -19.84
CA SER A 224 -9.70 -4.44 -21.15
C SER A 224 -10.96 -3.65 -21.54
N SER A 225 -10.76 -2.70 -22.45
CA SER A 225 -11.82 -1.88 -23.04
C SER A 225 -12.94 -2.66 -23.73
N ILE A 226 -12.63 -3.82 -24.27
CA ILE A 226 -13.57 -4.61 -25.08
C ILE A 226 -14.61 -5.36 -24.26
N VAL A 227 -14.39 -5.48 -22.95
CA VAL A 227 -15.20 -6.30 -22.09
C VAL A 227 -15.84 -5.40 -20.99
N TYR A 228 -16.96 -5.90 -20.46
CA TYR A 228 -17.58 -5.34 -19.29
C TYR A 228 -16.55 -5.22 -18.16
N PRO A 229 -16.52 -4.09 -17.42
CA PRO A 229 -17.44 -2.96 -17.59
C PRO A 229 -16.94 -1.82 -18.47
N ALA A 230 -15.67 -1.85 -18.87
CA ALA A 230 -15.08 -0.74 -19.62
C ALA A 230 -15.87 -0.49 -20.91
N ALA A 231 -16.35 -1.56 -21.54
CA ALA A 231 -17.07 -1.47 -22.80
C ALA A 231 -18.31 -0.59 -22.77
N MET A 232 -18.89 -0.40 -21.58
CA MET A 232 -19.98 0.56 -21.44
C MET A 232 -19.63 2.02 -21.71
N PHE A 233 -18.36 2.36 -21.48
CA PHE A 233 -17.96 3.76 -21.34
C PHE A 233 -16.78 4.25 -22.16
N ALA A 234 -15.80 3.39 -22.37
CA ALA A 234 -14.69 3.67 -23.30
C ALA A 234 -15.09 4.18 -24.71
N PRO A 235 -16.12 3.61 -25.34
CA PRO A 235 -16.58 4.17 -26.62
C PRO A 235 -16.92 5.66 -26.58
N GLN A 236 -17.52 6.11 -25.47
CA GLN A 236 -17.84 7.52 -25.24
C GLN A 236 -16.57 8.35 -25.24
N VAL A 237 -15.62 7.98 -24.39
CA VAL A 237 -14.39 8.76 -24.26
C VAL A 237 -13.58 8.72 -25.54
N ALA A 238 -13.56 7.57 -26.19
CA ALA A 238 -12.81 7.37 -27.43
C ALA A 238 -13.38 8.19 -28.57
N SER A 239 -14.71 8.28 -28.64
CA SER A 239 -15.37 9.11 -29.64
C SER A 239 -15.09 10.61 -29.49
N ARG A 240 -14.59 11.04 -28.33
CA ARG A 240 -14.17 12.45 -28.11
C ARG A 240 -12.71 12.69 -28.48
N GLY A 241 -11.99 11.64 -28.93
CA GLY A 241 -10.57 11.74 -29.20
C GLY A 241 -9.63 11.59 -28.00
N VAL A 242 -10.20 11.23 -26.85
CA VAL A 242 -9.44 11.13 -25.61
C VAL A 242 -8.61 9.85 -25.64
N PRO A 243 -7.31 9.91 -25.25
CA PRO A 243 -6.53 8.68 -25.24
C PRO A 243 -6.96 7.69 -24.16
N VAL A 244 -6.85 6.42 -24.49
CA VAL A 244 -7.18 5.31 -23.62
C VAL A 244 -5.94 4.40 -23.53
N ALA A 245 -5.52 4.14 -22.31
CA ALA A 245 -4.34 3.36 -22.04
C ALA A 245 -4.76 2.14 -21.24
N GLU A 246 -4.50 0.95 -21.78
CA GLU A 246 -4.78 -0.28 -21.07
C GLU A 246 -3.51 -0.76 -20.38
N PHE A 247 -3.66 -1.20 -19.12
CA PHE A 247 -2.58 -1.85 -18.35
C PHE A 247 -3.14 -3.14 -17.80
N ASN A 248 -2.74 -4.25 -18.40
CA ASN A 248 -3.33 -5.53 -18.08
C ASN A 248 -2.38 -6.58 -18.56
N MET A 249 -2.75 -7.86 -18.41
CA MET A 249 -1.85 -8.97 -18.71
C MET A 249 -2.15 -9.76 -19.99
N GLU A 250 -2.90 -9.17 -20.91
CA GLU A 250 -3.35 -9.81 -22.11
C GLU A 250 -2.37 -9.51 -23.23
N CYS A 251 -2.18 -10.48 -24.11
CA CYS A 251 -1.36 -10.29 -25.31
C CYS A 251 -2.02 -9.34 -26.28
N THR A 252 -1.21 -8.72 -27.16
CA THR A 252 -1.71 -7.98 -28.32
C THR A 252 -1.18 -8.69 -29.59
N PRO A 253 -2.04 -8.90 -30.62
CA PRO A 253 -1.61 -9.50 -31.88
C PRO A 253 -0.33 -8.88 -32.45
N ALA A 254 0.50 -9.71 -33.10
CA ALA A 254 1.74 -9.25 -33.73
C ALA A 254 1.52 -7.97 -34.57
N THR A 255 0.60 -8.06 -35.53
CA THR A 255 0.29 -6.93 -36.45
C THR A 255 -0.47 -5.76 -35.80
N GLN A 256 -1.67 -6.03 -35.24
CA GLN A 256 -2.62 -4.98 -34.80
C GLN A 256 -2.35 -4.47 -33.41
N ARG A 257 -1.25 -3.73 -33.30
CA ARG A 257 -0.83 -3.09 -32.05
C ARG A 257 -1.84 -2.06 -31.55
N PHE A 258 -2.25 -2.21 -30.30
CA PHE A 258 -3.21 -1.32 -29.62
C PHE A 258 -2.43 0.03 -29.32
N LYS A 259 -3.10 1.17 -29.48
CA LYS A 259 -2.53 2.52 -29.21
C LYS A 259 -1.57 2.59 -28.01
N TYR A 260 -2.09 2.43 -26.79
CA TYR A 260 -1.33 2.53 -25.54
C TYR A 260 -1.77 1.30 -24.78
N HIS A 261 -1.02 0.23 -24.95
CA HIS A 261 -1.27 -1.01 -24.21
C HIS A 261 0.01 -1.44 -23.55
N PHE A 262 -0.01 -1.51 -22.23
CA PHE A 262 1.15 -1.83 -21.45
C PHE A 262 0.91 -3.18 -20.80
N GLU A 263 1.45 -4.20 -21.47
CA GLU A 263 1.24 -5.59 -21.13
C GLU A 263 2.15 -5.88 -19.96
N GLY A 264 1.62 -6.66 -19.03
CA GLY A 264 2.34 -7.02 -17.82
C GLY A 264 1.55 -6.62 -16.58
N PRO A 265 1.94 -7.16 -15.42
CA PRO A 265 1.21 -6.95 -14.18
C PRO A 265 1.18 -5.46 -13.76
N CYS A 266 0.00 -4.98 -13.39
CA CYS A 266 -0.28 -3.58 -13.03
C CYS A 266 0.67 -2.99 -12.03
N GLY A 267 0.96 -3.77 -11.00
CA GLY A 267 1.91 -3.42 -9.95
C GLY A 267 3.30 -3.07 -10.44
N SER A 268 3.71 -3.61 -11.57
CA SER A 268 4.97 -3.25 -12.20
C SER A 268 4.83 -2.12 -13.19
N THR A 269 3.85 -2.24 -14.07
CA THR A 269 3.69 -1.35 -15.21
C THR A 269 3.24 0.04 -14.81
N LEU A 270 2.31 0.11 -13.87
CA LEU A 270 1.63 1.36 -13.56
C LEU A 270 2.47 2.39 -12.77
N PRO A 271 3.17 1.97 -11.70
CA PRO A 271 3.91 2.96 -10.89
C PRO A 271 4.91 3.86 -11.61
N PRO A 272 5.75 3.30 -12.54
CA PRO A 272 6.55 4.18 -13.39
C PRO A 272 5.75 5.02 -14.41
N ALA A 273 4.59 4.54 -14.87
CA ALA A 273 3.72 5.33 -15.74
C ALA A 273 3.18 6.60 -15.05
N LEU A 274 2.82 6.48 -13.77
CA LEU A 274 2.16 7.55 -13.05
C LEU A 274 3.06 8.50 -12.23
N GLU A 275 4.36 8.19 -12.12
CA GLU A 275 5.23 8.99 -11.24
C GLU A 275 5.28 10.48 -11.66
N SER B 11 8.87 -20.49 15.97
CA SER B 11 8.31 -20.70 14.60
C SER B 11 6.80 -20.96 14.52
N ASP B 12 6.20 -21.43 15.63
CA ASP B 12 4.72 -21.58 15.76
C ASP B 12 3.95 -20.23 15.65
N LEU B 13 2.99 -20.16 14.71
CA LEU B 13 2.27 -18.92 14.48
C LEU B 13 1.24 -18.69 15.57
N THR B 14 0.51 -19.74 15.96
CA THR B 14 -0.59 -19.58 16.93
C THR B 14 -0.06 -19.09 18.26
N ALA B 15 1.07 -19.65 18.67
CA ALA B 15 1.80 -19.19 19.86
C ALA B 15 2.08 -17.66 19.80
N PHE B 16 2.53 -17.19 18.63
CA PHE B 16 2.74 -15.76 18.43
C PHE B 16 1.42 -14.99 18.51
N ARG B 17 0.38 -15.54 17.91
CA ARG B 17 -0.91 -14.83 17.80
C ARG B 17 -1.59 -14.67 19.17
N GLU B 18 -1.40 -15.66 20.04
CA GLU B 18 -1.89 -15.58 21.40
C GLU B 18 -1.25 -14.42 22.15
N HIS B 19 0.05 -14.21 21.94
CA HIS B 19 0.73 -13.05 22.53
C HIS B 19 0.23 -11.76 21.93
N PHE B 20 0.12 -11.77 20.60
CA PHE B 20 -0.36 -10.61 19.86
C PHE B 20 -1.74 -10.15 20.35
N ALA B 21 -2.65 -11.10 20.56
CA ALA B 21 -4.00 -10.81 21.06
C ALA B 21 -4.00 -10.03 22.37
N LYS B 22 -3.13 -10.42 23.30
CA LYS B 22 -3.03 -9.81 24.64
C LYS B 22 -2.19 -8.54 24.71
N ALA B 23 -1.25 -8.37 23.78
CA ALA B 23 -0.30 -7.27 23.85
C ALA B 23 -0.96 -5.90 23.83
N LYS B 24 -0.61 -5.04 24.78
CA LYS B 24 -1.10 -3.65 24.81
C LYS B 24 -0.13 -2.63 24.28
N HIS B 25 1.16 -2.94 24.27
CA HIS B 25 2.15 -1.98 23.79
C HIS B 25 3.15 -2.73 22.93
N ILE B 26 3.00 -2.61 21.62
CA ILE B 26 3.81 -3.36 20.67
C ILE B 26 4.85 -2.44 20.07
N ALA B 27 6.08 -2.92 19.97
CA ALA B 27 7.16 -2.18 19.32
C ALA B 27 7.66 -3.00 18.15
N ILE B 28 7.76 -2.37 16.99
CA ILE B 28 8.13 -3.04 15.78
C ILE B 28 9.39 -2.37 15.25
N ILE B 29 10.49 -3.11 15.25
CA ILE B 29 11.75 -2.57 14.74
C ILE B 29 11.92 -3.03 13.31
N THR B 30 12.15 -2.09 12.40
CA THR B 30 12.24 -2.42 10.99
C THR B 30 13.60 -2.07 10.39
N GLY B 31 14.13 -3.01 9.65
CA GLY B 31 15.44 -2.88 9.03
C GLY B 31 15.36 -2.81 7.52
N ALA B 32 16.50 -2.99 6.87
CA ALA B 32 16.61 -2.68 5.45
C ALA B 32 15.78 -3.59 4.62
N GLY B 33 15.56 -4.81 5.10
CA GLY B 33 14.78 -5.80 4.37
C GLY B 33 13.42 -5.35 3.93
N VAL B 34 12.76 -4.53 4.73
CA VAL B 34 11.43 -4.05 4.43
C VAL B 34 11.46 -3.03 3.28
N SER B 35 12.44 -2.13 3.30
CA SER B 35 12.67 -1.20 2.19
C SER B 35 13.17 -1.91 0.92
N ALA B 36 13.88 -3.01 1.10
CA ALA B 36 14.35 -3.81 -0.03
C ALA B 36 13.22 -4.49 -0.76
N GLU B 37 12.20 -4.92 -0.03
CA GLU B 37 11.04 -5.53 -0.66
C GLU B 37 10.25 -4.54 -1.48
N SER B 38 10.38 -3.25 -1.21
CA SER B 38 9.80 -2.20 -2.06
C SER B 38 10.69 -1.81 -3.24
N GLY B 39 11.88 -2.37 -3.32
CA GLY B 39 12.78 -2.08 -4.43
C GLY B 39 13.66 -0.87 -4.24
N VAL B 40 13.73 -0.34 -3.02
CA VAL B 40 14.51 0.83 -2.72
C VAL B 40 15.97 0.42 -2.61
N PRO B 41 16.84 1.01 -3.44
CA PRO B 41 18.22 0.57 -3.48
C PRO B 41 19.03 1.02 -2.26
N THR B 42 19.77 0.07 -1.68
CA THR B 42 20.88 0.35 -0.80
C THR B 42 22.00 0.40 -1.81
N PHE B 43 22.92 1.31 -1.60
CA PHE B 43 24.08 1.44 -2.46
C PHE B 43 25.29 0.86 -1.75
N ARG B 44 25.12 -0.36 -1.23
CA ARG B 44 26.14 -1.05 -0.43
C ARG B 44 26.59 -2.41 -0.97
N GLY B 45 25.73 -3.13 -1.71
CA GLY B 45 26.07 -4.46 -2.21
C GLY B 45 27.24 -4.52 -3.19
N PRO B 46 27.49 -5.69 -3.81
CA PRO B 46 28.55 -5.81 -4.84
C PRO B 46 28.22 -4.93 -6.03
N GLY B 47 27.11 -5.16 -6.71
CA GLY B 47 26.65 -4.26 -7.79
C GLY B 47 26.03 -2.92 -7.41
N GLY B 48 25.92 -2.60 -6.12
CA GLY B 48 25.15 -1.42 -5.71
C GLY B 48 25.96 -0.14 -5.79
N PHE B 49 26.31 0.28 -7.01
CA PHE B 49 27.17 1.43 -7.22
C PHE B 49 26.33 2.56 -7.77
N TRP B 50 26.59 3.78 -7.33
CA TRP B 50 26.05 4.99 -7.96
C TRP B 50 27.23 5.66 -8.62
N ARG B 51 27.24 5.66 -9.95
CA ARG B 51 28.41 6.09 -10.72
C ARG B 51 29.62 5.27 -10.28
N LYS B 52 30.75 5.89 -9.95
CA LYS B 52 31.95 5.16 -9.53
C LYS B 52 31.89 4.75 -8.06
N TRP B 53 30.97 5.33 -7.27
CA TRP B 53 31.01 5.22 -5.80
C TRP B 53 29.90 4.37 -5.20
N GLN B 54 30.13 4.00 -3.93
CA GLN B 54 29.14 3.35 -3.07
C GLN B 54 28.79 4.26 -1.92
N ALA B 55 27.82 3.87 -1.10
CA ALA B 55 27.36 4.69 0.03
C ALA B 55 28.44 4.96 1.06
N GLN B 56 29.27 3.95 1.35
CA GLN B 56 30.47 4.10 2.19
C GLN B 56 31.27 5.38 1.84
N ASP B 57 31.44 5.65 0.55
CA ASP B 57 32.26 6.76 0.03
C ASP B 57 31.58 8.13 0.16
N LEU B 58 30.28 8.18 -0.16
CA LEU B 58 29.54 9.44 -0.28
C LEU B 58 28.71 9.82 0.95
N ALA B 59 28.36 8.84 1.79
CA ALA B 59 27.48 9.10 2.93
C ALA B 59 28.23 9.43 4.22
N THR B 60 29.09 10.46 4.17
CA THR B 60 29.95 10.81 5.29
C THR B 60 30.07 12.33 5.39
N PRO B 61 30.39 12.84 6.59
CA PRO B 61 30.68 14.27 6.75
C PRO B 61 31.78 14.81 5.84
N GLU B 62 32.83 13.99 5.64
CA GLU B 62 34.03 14.38 4.88
C GLU B 62 33.67 14.56 3.43
N ALA B 63 32.99 13.57 2.86
CA ALA B 63 32.50 13.64 1.48
C ALA B 63 31.71 14.94 1.27
N PHE B 64 30.81 15.24 2.20
CA PHE B 64 29.98 16.44 2.10
C PHE B 64 30.83 17.71 2.19
N SER B 65 31.75 17.75 3.15
CA SER B 65 32.64 18.89 3.30
C SER B 65 33.50 19.10 2.03
N ARG B 66 34.01 18.00 1.48
CA ARG B 66 34.85 18.02 0.25
C ARG B 66 34.10 18.36 -1.02
N ASP B 67 32.98 17.67 -1.27
CA ASP B 67 32.26 17.82 -2.54
C ASP B 67 30.73 17.82 -2.30
N PRO B 68 30.19 18.91 -1.72
CA PRO B 68 28.77 18.96 -1.42
C PRO B 68 27.82 18.87 -2.64
N SER B 69 28.30 19.26 -3.82
CA SER B 69 27.54 19.04 -5.06
C SER B 69 27.34 17.55 -5.30
N LEU B 70 28.44 16.82 -5.29
CA LEU B 70 28.41 15.38 -5.59
C LEU B 70 27.49 14.61 -4.65
N VAL B 71 27.56 14.92 -3.35
CA VAL B 71 26.73 14.26 -2.35
C VAL B 71 25.26 14.66 -2.57
N TRP B 72 25.01 15.93 -2.83
CA TRP B 72 23.63 16.35 -3.15
C TRP B 72 23.07 15.72 -4.44
N GLU B 73 23.91 15.50 -5.44
CA GLU B 73 23.47 14.72 -6.59
C GLU B 73 23.02 13.32 -6.17
N PHE B 74 23.80 12.71 -5.28
CA PHE B 74 23.48 11.40 -4.74
C PHE B 74 22.14 11.43 -4.00
N TYR B 75 22.00 12.34 -3.07
CA TYR B 75 20.76 12.42 -2.28
C TYR B 75 19.52 12.86 -3.10
N HIS B 76 19.75 13.71 -4.12
CA HIS B 76 18.69 14.07 -5.05
C HIS B 76 18.21 12.84 -5.82
N TYR B 77 19.13 12.07 -6.41
CA TYR B 77 18.78 10.82 -7.11
C TYR B 77 17.95 9.93 -6.22
N ARG B 78 18.30 9.85 -4.96
CA ARG B 78 17.59 8.98 -4.05
C ARG B 78 16.23 9.50 -3.62
N ARG B 79 16.06 10.82 -3.51
CA ARG B 79 14.75 11.41 -3.30
C ARG B 79 13.82 11.14 -4.50
N GLU B 80 14.35 11.21 -5.71
CA GLU B 80 13.54 11.01 -6.89
C GLU B 80 13.22 9.52 -7.12
N VAL B 81 14.13 8.60 -6.83
CA VAL B 81 13.78 7.18 -7.05
C VAL B 81 12.62 6.68 -6.17
N MET B 82 12.38 7.36 -5.05
CA MET B 82 11.24 7.05 -4.21
C MET B 82 9.89 7.30 -4.87
N ARG B 83 9.87 8.21 -5.84
CA ARG B 83 8.63 8.51 -6.56
C ARG B 83 8.03 7.28 -7.25
N SER B 84 8.89 6.35 -7.71
CA SER B 84 8.43 5.09 -8.34
C SER B 84 8.34 3.87 -7.43
N LYS B 85 8.93 3.94 -6.23
CA LYS B 85 8.88 2.83 -5.26
C LYS B 85 7.74 3.03 -4.28
N MET B 86 6.95 1.99 -4.06
CA MET B 86 5.75 2.08 -3.20
C MET B 86 5.88 1.17 -1.98
N PRO B 87 5.14 1.48 -0.90
CA PRO B 87 5.07 0.58 0.25
C PRO B 87 4.62 -0.84 -0.10
N ASN B 88 5.32 -1.84 0.43
CA ASN B 88 4.94 -3.24 0.28
C ASN B 88 3.95 -3.60 1.39
N PRO B 89 3.35 -4.81 1.32
CA PRO B 89 2.29 -5.17 2.28
C PRO B 89 2.70 -5.23 3.74
N ALA B 90 3.98 -5.43 4.01
CA ALA B 90 4.50 -5.36 5.36
C ALA B 90 4.27 -3.97 5.91
N HIS B 91 4.64 -2.94 5.14
CA HIS B 91 4.44 -1.54 5.54
C HIS B 91 2.99 -1.26 5.90
N LEU B 92 2.08 -1.78 5.06
CA LEU B 92 0.66 -1.50 5.21
C LEU B 92 0.03 -2.30 6.35
N ALA B 93 0.29 -3.59 6.38
CA ALA B 93 -0.13 -4.44 7.50
C ALA B 93 0.21 -3.81 8.85
N ILE B 94 1.42 -3.28 8.97
CA ILE B 94 1.85 -2.60 10.18
C ILE B 94 0.97 -1.38 10.47
N ALA B 95 0.77 -0.55 9.45
CA ALA B 95 0.00 0.69 9.59
C ALA B 95 -1.47 0.42 9.95
N GLU B 96 -2.04 -0.55 9.25
CA GLU B 96 -3.41 -0.90 9.50
C GLU B 96 -3.58 -1.52 10.88
N CYS B 97 -2.54 -2.23 11.35
CA CYS B 97 -2.51 -2.79 12.70
C CYS B 97 -2.48 -1.67 13.74
N GLU B 98 -1.56 -0.73 13.56
CA GLU B 98 -1.48 0.43 14.44
C GLU B 98 -2.83 1.13 14.60
N ALA B 99 -3.49 1.34 13.48
CA ALA B 99 -4.80 1.98 13.45
C ALA B 99 -5.85 1.16 14.18
N ARG B 100 -5.93 -0.12 13.84
CA ARG B 100 -6.93 -1.02 14.42
C ARG B 100 -6.77 -1.12 15.94
N LEU B 101 -5.53 -1.28 16.37
CA LEU B 101 -5.20 -1.41 17.79
C LEU B 101 -5.40 -0.11 18.54
N GLY B 102 -4.98 1.00 17.93
CA GLY B 102 -5.22 2.35 18.49
C GLY B 102 -6.65 2.59 18.94
N GLN B 103 -7.61 2.22 18.09
CA GLN B 103 -9.06 2.30 18.43
C GLN B 103 -9.39 1.55 19.71
N GLN B 104 -8.75 0.40 19.90
CA GLN B 104 -8.91 -0.43 21.09
C GLN B 104 -8.09 0.09 22.29
N GLY B 105 -7.44 1.25 22.17
CA GLY B 105 -6.53 1.76 23.19
C GLY B 105 -5.24 0.96 23.35
N ARG B 106 -4.62 0.57 22.25
CA ARG B 106 -3.43 -0.27 22.27
C ARG B 106 -2.38 0.32 21.35
N SER B 107 -1.18 0.58 21.89
CA SER B 107 -0.16 1.30 21.15
C SER B 107 0.62 0.32 20.26
N VAL B 108 1.03 0.85 19.09
CA VAL B 108 1.94 0.18 18.18
C VAL B 108 2.90 1.23 17.63
N VAL B 109 4.17 1.16 18.05
CA VAL B 109 5.18 2.10 17.57
C VAL B 109 6.16 1.39 16.65
N ILE B 110 6.59 2.11 15.61
CA ILE B 110 7.62 1.67 14.69
C ILE B 110 8.97 2.35 15.07
N ILE B 111 10.05 1.56 15.08
CA ILE B 111 11.38 2.06 15.26
C ILE B 111 12.17 1.60 14.03
N THR B 112 12.45 2.52 13.11
CA THR B 112 12.98 2.14 11.81
C THR B 112 14.38 2.72 11.56
N GLN B 113 15.22 1.89 10.95
CA GLN B 113 16.55 2.25 10.49
C GLN B 113 16.49 2.94 9.11
N ASN B 114 15.31 2.90 8.48
CA ASN B 114 15.14 3.23 7.08
C ASN B 114 14.81 4.70 7.00
N ILE B 115 15.15 5.30 5.86
CA ILE B 115 15.10 6.76 5.71
C ILE B 115 14.20 7.22 4.59
N ASP B 116 13.36 6.31 4.10
CA ASP B 116 12.63 6.51 2.85
C ASP B 116 11.18 6.93 3.06
N GLU B 117 10.76 7.00 4.32
CA GLU B 117 9.39 7.36 4.68
C GLU B 117 8.29 6.41 4.16
N LEU B 118 8.66 5.21 3.74
CA LEU B 118 7.66 4.23 3.31
C LEU B 118 6.68 3.90 4.43
N HIS B 119 7.13 3.93 5.69
CA HIS B 119 6.20 3.72 6.79
C HIS B 119 5.17 4.85 6.85
N HIS B 120 5.63 6.08 6.67
CA HIS B 120 4.75 7.27 6.70
C HIS B 120 3.75 7.17 5.55
N ARG B 121 4.24 6.79 4.37
CA ARG B 121 3.40 6.62 3.18
C ARG B 121 2.37 5.51 3.25
N ALA B 122 2.59 4.51 4.08
CA ALA B 122 1.61 3.46 4.32
C ALA B 122 0.56 3.86 5.37
N GLY B 123 0.76 5.02 6.01
CA GLY B 123 -0.17 5.57 6.99
C GLY B 123 0.13 5.28 8.45
N SER B 124 1.37 4.89 8.73
CA SER B 124 1.82 4.78 10.11
C SER B 124 1.96 6.22 10.63
N LYS B 125 1.71 6.40 11.93
CA LYS B 125 1.72 7.70 12.61
C LYS B 125 2.82 7.75 13.67
N HIS B 126 2.82 6.76 14.57
CA HIS B 126 3.82 6.69 15.64
CA HIS B 126 3.80 6.64 15.66
C HIS B 126 5.07 5.98 15.08
N VAL B 127 5.98 6.78 14.55
CA VAL B 127 7.22 6.28 13.94
C VAL B 127 8.41 7.04 14.48
N TYR B 128 9.52 6.33 14.68
CA TYR B 128 10.78 6.89 15.10
C TYR B 128 11.81 6.54 14.04
N GLU B 129 12.24 7.54 13.27
CA GLU B 129 13.23 7.33 12.19
C GLU B 129 14.62 7.59 12.76
N ILE B 130 15.24 6.56 13.32
CA ILE B 130 16.47 6.76 14.08
C ILE B 130 17.66 7.16 13.23
N HIS B 131 17.57 6.96 11.91
CA HIS B 131 18.65 7.37 11.03
C HIS B 131 18.25 8.58 10.21
N GLY B 132 17.18 9.26 10.63
CA GLY B 132 16.66 10.44 9.91
C GLY B 132 15.85 10.01 8.69
N SER B 133 15.76 10.93 7.73
CA SER B 133 14.89 10.79 6.55
C SER B 133 15.44 11.56 5.33
N LEU B 134 15.38 10.94 4.15
CA LEU B 134 15.67 11.61 2.86
C LEU B 134 14.88 12.89 2.64
N PHE B 135 13.69 12.96 3.23
CA PHE B 135 12.81 14.11 3.05
C PHE B 135 12.77 15.00 4.29
N LYS B 136 13.95 15.24 4.85
CA LYS B 136 14.20 16.30 5.79
C LYS B 136 15.58 16.91 5.54
N THR B 137 15.68 18.22 5.71
CA THR B 137 16.96 18.94 5.60
C THR B 137 17.43 19.40 6.98
N ARG B 138 18.75 19.53 7.15
CA ARG B 138 19.31 20.18 8.32
C ARG B 138 20.19 21.32 7.84
N CYS B 139 20.10 22.48 8.51
CA CYS B 139 20.88 23.66 8.12
C CYS B 139 22.23 23.63 8.81
N MET B 140 23.29 23.82 8.04
CA MET B 140 24.65 23.74 8.55
C MET B 140 25.01 24.93 9.42
N SER B 141 24.28 26.03 9.29
CA SER B 141 24.48 27.19 10.15
C SER B 141 23.62 27.10 11.41
N CYS B 142 22.30 27.26 11.29
CA CYS B 142 21.44 27.34 12.48
C CYS B 142 20.91 25.99 12.99
N GLY B 143 21.16 24.90 12.27
CA GLY B 143 20.78 23.56 12.74
C GLY B 143 19.32 23.18 12.58
N GLU B 144 18.52 24.03 11.91
CA GLU B 144 17.07 23.81 11.78
C GLU B 144 16.78 22.61 10.91
N VAL B 145 15.91 21.76 11.42
CA VAL B 145 15.49 20.57 10.73
C VAL B 145 14.11 20.86 10.19
N LYS B 146 13.92 20.72 8.88
CA LYS B 146 12.59 20.93 8.27
C LYS B 146 12.28 19.86 7.21
N ALA B 147 10.99 19.55 7.08
CA ALA B 147 10.50 18.61 6.07
C ALA B 147 10.73 19.18 4.70
N ASN B 148 10.95 18.31 3.72
CA ASN B 148 11.15 18.77 2.36
C ASN B 148 10.85 17.63 1.40
N HIS B 149 9.74 17.76 0.68
CA HIS B 149 9.35 16.79 -0.33
C HIS B 149 9.38 17.37 -1.73
N LYS B 150 10.05 18.51 -1.88
CA LYS B 150 10.04 19.24 -3.14
C LYS B 150 10.83 18.45 -4.21
N SER B 151 10.29 18.44 -5.42
CA SER B 151 10.90 17.73 -6.54
C SER B 151 10.97 18.72 -7.72
N PRO B 152 12.16 19.12 -8.15
CA PRO B 152 13.43 18.92 -7.46
C PRO B 152 13.56 19.81 -6.21
N ILE B 153 14.30 19.30 -5.21
CA ILE B 153 14.64 20.05 -3.98
C ILE B 153 15.07 21.51 -4.17
N CYS B 154 15.80 21.78 -5.25
CA CYS B 154 16.14 23.14 -5.67
C CYS B 154 16.26 23.11 -7.18
N PRO B 155 16.17 24.30 -7.84
CA PRO B 155 16.31 24.37 -9.31
C PRO B 155 17.62 23.81 -9.87
N ALA B 156 18.75 24.16 -9.25
CA ALA B 156 20.07 23.75 -9.77
C ALA B 156 20.25 22.25 -9.98
N LEU B 157 19.57 21.43 -9.16
CA LEU B 157 19.62 19.97 -9.24
C LEU B 157 18.58 19.35 -10.18
N ASP B 158 17.78 20.16 -10.88
CA ASP B 158 16.76 19.63 -11.76
C ASP B 158 17.46 18.79 -12.85
N GLY B 159 17.04 17.53 -12.98
CA GLY B 159 17.57 16.62 -14.00
C GLY B 159 19.00 16.12 -13.76
N LYS B 160 19.47 16.22 -12.53
CA LYS B 160 20.84 15.84 -12.18
C LYS B 160 20.80 14.52 -11.42
N GLY B 161 21.96 14.08 -10.93
CA GLY B 161 22.07 12.88 -10.11
C GLY B 161 22.07 11.56 -10.86
N ALA B 162 22.22 11.61 -12.19
CA ALA B 162 22.09 10.43 -13.03
C ALA B 162 23.07 9.36 -12.56
N PRO B 163 22.62 8.09 -12.48
CA PRO B 163 23.46 7.04 -11.89
C PRO B 163 24.59 6.44 -12.75
N ASP B 164 24.67 6.76 -14.04
CA ASP B 164 25.68 6.16 -14.95
C ASP B 164 27.10 6.52 -14.53
N PRO B 165 28.02 5.53 -14.51
CA PRO B 165 29.46 5.82 -14.37
C PRO B 165 29.99 6.92 -15.33
N ASN B 166 29.35 7.08 -16.48
CA ASN B 166 29.58 8.19 -17.43
C ASN B 166 29.36 9.59 -16.86
N THR B 167 28.24 9.78 -16.17
CA THR B 167 27.61 11.09 -16.08
C THR B 167 28.55 12.14 -15.52
N LYS B 168 28.63 13.28 -16.21
CA LYS B 168 29.49 14.37 -15.78
C LYS B 168 28.91 15.01 -14.52
N GLU B 169 29.80 15.36 -13.61
CA GLU B 169 29.44 16.00 -12.36
C GLU B 169 28.71 17.32 -12.63
N ALA B 170 27.67 17.57 -11.86
CA ALA B 170 26.92 18.81 -11.98
C ALA B 170 27.70 19.99 -11.43
N ARG B 171 28.70 19.75 -10.57
CA ARG B 171 29.56 20.79 -10.01
C ARG B 171 28.81 22.10 -9.81
N ILE B 172 27.75 22.01 -9.03
CA ILE B 172 26.89 23.15 -8.76
C ILE B 172 27.61 24.03 -7.74
N PRO B 173 27.68 25.35 -8.00
CA PRO B 173 28.15 26.28 -6.96
C PRO B 173 27.32 26.18 -5.68
N VAL B 174 28.02 26.28 -4.54
CA VAL B 174 27.41 26.05 -3.23
C VAL B 174 26.21 26.99 -2.95
N GLU B 175 26.24 28.20 -3.49
CA GLU B 175 25.12 29.14 -3.32
C GLU B 175 23.83 28.68 -4.01
N LEU B 176 23.95 27.88 -5.08
CA LEU B 176 22.79 27.33 -5.79
C LEU B 176 22.29 25.97 -5.29
N LEU B 177 23.06 25.33 -4.41
CA LEU B 177 22.60 24.14 -3.67
C LEU B 177 21.52 24.56 -2.64
N PRO B 178 20.77 23.58 -2.06
CA PRO B 178 19.65 23.98 -1.19
C PRO B 178 20.09 24.85 -0.03
N ARG B 179 19.42 25.99 0.16
CA ARG B 179 19.72 26.90 1.27
C ARG B 179 18.54 27.08 2.23
N CYS B 180 18.86 27.63 3.40
CA CYS B 180 17.94 27.68 4.53
C CYS B 180 16.62 28.47 4.44
N GLU B 181 16.52 29.50 3.61
CA GLU B 181 15.26 30.23 3.40
C GLU B 181 14.80 31.18 4.54
N ARG B 182 15.05 30.90 5.84
CA ARG B 182 14.92 31.98 6.84
C ARG B 182 16.09 32.93 6.56
N LYS B 183 15.75 34.15 6.13
CA LYS B 183 16.67 35.02 5.35
C LYS B 183 17.92 35.55 6.08
N SER B 184 17.83 35.75 7.39
CA SER B 184 18.99 36.10 8.22
C SER B 184 20.08 35.02 8.21
N CYS B 185 19.70 33.79 7.87
CA CYS B 185 20.61 32.64 7.86
C CYS B 185 21.23 32.30 6.49
N ASN B 186 20.38 31.89 5.54
CA ASN B 186 20.80 31.37 4.22
C ASN B 186 21.90 30.29 4.24
N GLY B 187 21.91 29.47 5.29
CA GLY B 187 22.92 28.42 5.43
C GLY B 187 22.72 27.31 4.40
N LEU B 188 23.81 26.59 4.12
CA LEU B 188 23.76 25.42 3.24
C LEU B 188 23.05 24.30 3.98
N LEU B 189 22.08 23.68 3.33
CA LEU B 189 21.37 22.55 3.91
C LEU B 189 22.07 21.24 3.57
N ARG B 190 22.01 20.29 4.49
CA ARG B 190 22.44 18.92 4.25
C ARG B 190 21.21 18.04 4.44
N PRO B 191 21.26 16.78 3.93
CA PRO B 191 20.19 15.85 4.25
C PRO B 191 20.15 15.64 5.75
N HIS B 192 18.96 15.59 6.34
CA HIS B 192 18.83 15.23 7.76
C HIS B 192 18.84 13.72 7.93
N VAL B 193 20.03 13.15 7.80
CA VAL B 193 20.22 11.71 7.91
C VAL B 193 21.48 11.47 8.75
N VAL B 194 21.62 10.24 9.25
CA VAL B 194 22.77 9.87 10.05
C VAL B 194 23.80 9.20 9.14
N TRP B 195 24.87 9.95 8.83
CA TRP B 195 25.98 9.44 8.02
C TRP B 195 26.85 8.48 8.80
N PHE B 196 27.72 7.75 8.10
CA PHE B 196 28.70 6.90 8.76
C PHE B 196 29.64 7.77 9.59
N GLY B 197 29.90 7.30 10.79
CA GLY B 197 30.69 8.04 11.75
C GLY B 197 29.90 9.05 12.56
N GLU B 198 28.59 9.16 12.31
CA GLU B 198 27.76 10.04 13.11
C GLU B 198 26.94 9.21 14.08
N THR B 199 26.62 9.84 15.21
CA THR B 199 25.88 9.18 16.28
C THR B 199 24.40 9.47 16.19
N LEU B 200 23.63 8.70 16.94
CA LEU B 200 22.19 8.89 16.97
C LEU B 200 21.82 10.07 17.89
N ASP B 201 20.62 10.61 17.69
CA ASP B 201 20.06 11.69 18.50
C ASP B 201 19.74 11.17 19.88
N SER B 202 20.27 11.79 20.92
CA SER B 202 19.90 11.44 22.30
C SER B 202 18.40 11.55 22.59
N ASP B 203 17.76 12.62 22.10
CA ASP B 203 16.31 12.79 22.21
C ASP B 203 15.52 11.62 21.63
N ILE B 204 15.94 11.15 20.46
CA ILE B 204 15.24 10.02 19.83
C ILE B 204 15.46 8.72 20.65
N LEU B 205 16.68 8.46 21.09
CA LEU B 205 16.91 7.25 21.88
C LEU B 205 16.22 7.27 23.24
N THR B 206 16.14 8.43 23.87
CA THR B 206 15.45 8.53 25.17
C THR B 206 13.97 8.25 25.03
N ALA B 207 13.39 8.66 23.90
CA ALA B 207 12.01 8.34 23.58
C ALA B 207 11.84 6.86 23.35
N VAL B 208 12.71 6.31 22.53
CA VAL B 208 12.66 4.88 22.16
C VAL B 208 12.83 4.03 23.41
N GLU B 209 13.72 4.47 24.30
CA GLU B 209 13.93 3.79 25.58
C GLU B 209 12.65 3.68 26.35
N ARG B 210 11.96 4.81 26.48
CA ARG B 210 10.67 4.86 27.18
C ARG B 210 9.64 3.93 26.52
N GLU B 211 9.61 3.91 25.19
CA GLU B 211 8.67 3.06 24.46
C GLU B 211 8.97 1.58 24.64
N LEU B 212 10.24 1.21 24.62
CA LEU B 212 10.63 -0.18 24.77
C LEU B 212 10.47 -0.65 26.21
N GLU B 213 10.56 0.28 27.15
CA GLU B 213 10.24 -0.03 28.54
C GLU B 213 8.76 -0.32 28.73
N LYS B 214 7.88 0.38 28.00
CA LYS B 214 6.43 0.10 28.04
C LYS B 214 6.09 -1.28 27.47
N CYS B 215 6.87 -1.73 26.49
CA CYS B 215 6.35 -2.69 25.53
C CYS B 215 6.29 -4.08 26.09
N ASP B 216 5.28 -4.83 25.64
CA ASP B 216 5.07 -6.21 26.09
C ASP B 216 5.04 -7.22 24.94
N LEU B 217 5.35 -6.75 23.75
CA LEU B 217 5.62 -7.59 22.59
C LEU B 217 6.52 -6.78 21.67
N CYS B 218 7.59 -7.39 21.19
CA CYS B 218 8.50 -6.72 20.28
C CYS B 218 8.61 -7.52 18.99
N LEU B 219 8.51 -6.82 17.86
CA LEU B 219 8.67 -7.44 16.56
C LEU B 219 9.91 -6.88 15.90
N VAL B 220 10.75 -7.77 15.35
CA VAL B 220 11.86 -7.36 14.49
C VAL B 220 11.49 -7.80 13.08
N VAL B 221 11.49 -6.84 12.15
CA VAL B 221 11.06 -7.06 10.78
C VAL B 221 12.13 -6.56 9.81
N GLY B 222 12.68 -7.48 9.04
CA GLY B 222 13.56 -7.11 7.92
C GLY B 222 14.97 -6.85 8.34
N THR B 223 15.39 -7.54 9.39
CA THR B 223 16.75 -7.50 9.95
C THR B 223 16.74 -8.58 11.01
N SER B 224 17.83 -8.78 11.74
CA SER B 224 17.78 -9.66 12.93
C SER B 224 18.20 -8.96 14.22
N SER B 225 17.74 -9.51 15.34
CA SER B 225 18.03 -9.01 16.68
C SER B 225 19.53 -8.90 17.02
N ILE B 226 20.35 -9.79 16.45
CA ILE B 226 21.75 -9.86 16.86
C ILE B 226 22.65 -8.90 16.12
N VAL B 227 22.14 -8.16 15.15
CA VAL B 227 22.95 -7.31 14.28
C VAL B 227 22.78 -5.83 14.57
N TYR B 228 23.87 -5.08 14.57
CA TYR B 228 23.77 -3.64 14.81
C TYR B 228 23.02 -3.06 13.63
N PRO B 229 22.10 -2.10 13.85
CA PRO B 229 21.77 -1.53 15.13
C PRO B 229 20.50 -2.10 15.81
N ALA B 230 19.81 -3.06 15.21
CA ALA B 230 18.66 -3.69 15.92
C ALA B 230 19.07 -4.29 17.29
N ALA B 231 20.29 -4.78 17.37
CA ALA B 231 20.91 -5.26 18.61
C ALA B 231 20.86 -4.32 19.80
N MET B 232 20.77 -3.03 19.55
CA MET B 232 20.51 -2.04 20.60
C MET B 232 19.19 -2.20 21.33
N PHE B 233 18.18 -2.78 20.68
CA PHE B 233 16.85 -2.79 21.25
C PHE B 233 16.39 -4.18 21.62
N ALA B 234 16.34 -5.12 20.70
CA ALA B 234 15.62 -6.39 20.97
C ALA B 234 16.19 -7.24 22.13
N PRO B 235 17.52 -7.38 22.21
CA PRO B 235 18.13 -8.07 23.35
C PRO B 235 17.73 -7.50 24.72
N GLN B 236 17.59 -6.18 24.79
CA GLN B 236 17.15 -5.49 26.01
C GLN B 236 15.76 -5.95 26.40
N VAL B 237 14.82 -5.84 25.47
CA VAL B 237 13.43 -6.19 25.69
C VAL B 237 13.30 -7.68 26.02
N ALA B 238 14.06 -8.50 25.30
CA ALA B 238 14.03 -9.94 25.46
C ALA B 238 14.57 -10.37 26.83
N SER B 239 15.61 -9.70 27.29
CA SER B 239 16.17 -9.96 28.62
C SER B 239 15.22 -9.60 29.77
N ARG B 240 14.16 -8.83 29.51
CA ARG B 240 13.10 -8.56 30.49
C ARG B 240 11.98 -9.62 30.46
N GLY B 241 12.09 -10.61 29.57
CA GLY B 241 11.06 -11.62 29.42
C GLY B 241 9.96 -11.27 28.44
N VAL B 242 10.06 -10.15 27.75
CA VAL B 242 9.08 -9.79 26.72
C VAL B 242 9.33 -10.64 25.47
N PRO B 243 8.29 -11.20 24.84
CA PRO B 243 8.54 -11.97 23.61
C PRO B 243 9.00 -11.13 22.45
N VAL B 244 9.89 -11.73 21.64
CA VAL B 244 10.45 -11.12 20.45
C VAL B 244 10.21 -12.05 19.27
N ALA B 245 9.64 -11.50 18.21
CA ALA B 245 9.34 -12.22 17.01
C ALA B 245 10.13 -11.62 15.86
N GLU B 246 10.96 -12.43 15.22
CA GLU B 246 11.72 -11.99 14.07
C GLU B 246 10.98 -12.39 12.80
N PHE B 247 10.91 -11.48 11.83
CA PHE B 247 10.39 -11.75 10.48
C PHE B 247 11.43 -11.23 9.50
N ASN B 248 12.14 -12.14 8.86
CA ASN B 248 13.17 -11.73 7.93
C ASN B 248 13.43 -12.90 7.02
N MET B 249 14.24 -12.69 6.00
CA MET B 249 14.67 -13.79 5.14
C MET B 249 16.16 -13.71 4.87
N GLU B 250 16.91 -13.50 5.94
CA GLU B 250 18.33 -13.97 5.95
C GLU B 250 18.27 -15.34 6.60
N CYS B 251 18.83 -16.36 5.95
CA CYS B 251 18.74 -17.72 6.48
C CYS B 251 19.76 -17.80 7.62
N THR B 252 19.48 -17.02 8.65
CA THR B 252 20.33 -16.96 9.83
C THR B 252 20.33 -18.36 10.47
N PRO B 253 21.53 -18.87 10.87
CA PRO B 253 21.61 -20.20 11.50
C PRO B 253 20.62 -20.41 12.64
N ALA B 254 20.13 -21.64 12.81
CA ALA B 254 19.22 -21.99 13.92
C ALA B 254 19.70 -21.39 15.26
N THR B 255 20.94 -21.76 15.63
CA THR B 255 21.76 -21.10 16.67
C THR B 255 21.45 -19.59 16.99
N GLN B 256 21.31 -18.75 15.96
CA GLN B 256 21.07 -17.30 16.11
C GLN B 256 19.62 -16.89 16.34
N ARG B 257 18.70 -17.63 15.72
CA ARG B 257 17.29 -17.24 15.58
C ARG B 257 16.60 -17.17 16.94
N PHE B 258 15.92 -16.04 17.19
CA PHE B 258 15.25 -15.78 18.48
C PHE B 258 13.99 -16.63 18.70
N LYS B 259 13.35 -16.47 19.86
CA LYS B 259 12.14 -17.22 20.28
C LYS B 259 11.18 -17.67 19.16
N TYR B 260 10.54 -16.71 18.49
CA TYR B 260 9.66 -16.96 17.35
C TYR B 260 10.26 -16.36 16.08
N HIS B 261 10.54 -17.18 15.07
CA HIS B 261 11.20 -16.71 13.87
C HIS B 261 10.44 -17.16 12.65
N PHE B 262 10.01 -16.18 11.86
CA PHE B 262 9.21 -16.44 10.68
C PHE B 262 10.04 -16.07 9.47
N GLU B 263 10.67 -17.11 8.91
CA GLU B 263 11.56 -16.97 7.78
C GLU B 263 10.72 -16.81 6.54
N GLY B 264 11.18 -15.94 5.67
CA GLY B 264 10.51 -15.59 4.42
C GLY B 264 10.30 -14.09 4.34
N PRO B 265 10.00 -13.58 3.12
CA PRO B 265 9.79 -12.15 2.90
C PRO B 265 8.66 -11.55 3.74
N CYS B 266 8.96 -10.42 4.38
CA CYS B 266 8.05 -9.72 5.31
C CYS B 266 6.67 -9.49 4.77
N GLY B 267 6.61 -9.06 3.51
CA GLY B 267 5.37 -8.85 2.79
C GLY B 267 4.45 -10.03 2.74
N SER B 268 4.99 -11.24 2.81
CA SER B 268 4.19 -12.45 2.89
C SER B 268 3.91 -12.89 4.31
N THR B 269 4.95 -12.90 5.14
CA THR B 269 4.88 -13.48 6.48
C THR B 269 4.11 -12.62 7.44
N LEU B 270 4.29 -11.31 7.34
CA LEU B 270 3.77 -10.40 8.36
C LEU B 270 2.25 -10.16 8.31
N PRO B 271 1.67 -9.93 7.11
CA PRO B 271 0.23 -9.62 7.06
C PRO B 271 -0.72 -10.64 7.71
N PRO B 272 -0.51 -11.96 7.50
CA PRO B 272 -1.29 -12.95 8.28
C PRO B 272 -0.95 -13.00 9.79
N ALA B 273 0.28 -12.66 10.17
CA ALA B 273 0.64 -12.56 11.60
C ALA B 273 -0.12 -11.43 12.32
N LEU B 274 -0.31 -10.31 11.65
CA LEU B 274 -0.91 -9.11 12.28
C LEU B 274 -2.44 -8.95 12.13
N GLU B 275 -3.09 -9.78 11.30
CA GLU B 275 -4.51 -9.60 11.02
C GLU B 275 -5.41 -9.59 12.27
N VAL C 2 -28.75 -1.66 -16.04
CA VAL C 2 -27.77 -2.51 -16.70
C VAL C 2 -27.57 -3.86 -15.99
N LEU C 3 -28.00 -4.95 -16.62
CA LEU C 3 -27.68 -6.28 -16.12
C LEU C 3 -26.19 -6.38 -15.87
N GLU C 5 -22.86 -7.50 -16.13
CA GLU C 5 -22.14 -8.31 -17.11
C GLU C 5 -23.06 -8.66 -18.27
N TYR C 6 -24.02 -7.77 -18.48
CA TYR C 6 -24.98 -7.89 -19.58
C TYR C 6 -25.75 -9.21 -19.51
N GLY C 7 -25.66 -9.91 -18.39
CA GLY C 7 -26.29 -11.22 -18.26
C GLY C 7 -25.31 -12.37 -18.43
N VAL C 8 -24.45 -12.27 -19.45
CA VAL C 8 -23.34 -13.20 -19.65
C VAL C 8 -22.20 -12.49 -20.38
#